data_4JS7
#
_entry.id   4JS7
#
_cell.length_a   35.758
_cell.length_b   69.556
_cell.length_c   81.040
_cell.angle_alpha   90.00
_cell.angle_beta   90.00
_cell.angle_gamma   90.00
#
_symmetry.space_group_name_H-M   'P 21 21 21'
#
loop_
_entity.id
_entity.type
_entity.pdbx_description
1 polymer 'cellulose binding protein'
2 non-polymer 'SULFATE ION'
3 water water
#
_entity_poly.entity_id   1
_entity_poly.type   'polypeptide(L)'
_entity_poly.pdbx_seq_one_letter_code
;MTTHGRATHYSLGQGNTIANGNCSMPAVPADRMYVAVSSPEYSGAAACGTFLDVTGPKGTVRVQVADQCHGCEVGHLNLS
EEAFRALGDFNAGIIPISYVTVRDPAGPTVAIRVKEGSSRWWAGLQVLNAGNRIDRVEIQAGRQWLPLTRTDYGYWVTPS
PIQDGPLTVKVTDQYGRAVVLPGLRMAPGEIQRTASRFYPVH
;
_entity_poly.pdbx_strand_id   A
#
# COMPACT_ATOMS: atom_id res chain seq x y z
N MET A 1 16.89 -4.20 5.52
CA MET A 1 17.97 -5.12 5.05
C MET A 1 17.37 -6.27 4.26
N THR A 2 18.17 -7.30 3.98
CA THR A 2 17.70 -8.46 3.26
C THR A 2 17.10 -9.49 4.20
N THR A 3 15.92 -9.99 3.84
CA THR A 3 15.27 -11.06 4.58
C THR A 3 15.43 -12.37 3.82
N HIS A 4 15.84 -13.43 4.50
CA HIS A 4 15.87 -14.76 3.92
C HIS A 4 14.68 -15.55 4.42
N GLY A 5 14.02 -16.27 3.52
CA GLY A 5 12.85 -17.03 3.89
C GLY A 5 12.37 -17.98 2.82
N ARG A 6 11.04 -18.13 2.75
CA ARG A 6 10.41 -19.07 1.85
C ARG A 6 9.07 -18.52 1.40
N ALA A 7 8.51 -19.09 0.34
CA ALA A 7 7.23 -18.64 -0.18
C ALA A 7 6.28 -19.80 -0.41
N THR A 8 5.01 -19.56 -0.11
CA THR A 8 3.91 -20.39 -0.58
C THR A 8 3.18 -19.54 -1.60
N HIS A 9 2.12 -20.07 -2.20
CA HIS A 9 1.32 -19.26 -3.10
C HIS A 9 -0.17 -19.27 -2.75
N TYR A 10 -0.85 -18.19 -3.12
CA TYR A 10 -2.29 -18.06 -2.96
C TYR A 10 -2.81 -17.11 -4.05
N SER A 11 -4.11 -16.88 -4.09
CA SER A 11 -4.67 -16.03 -5.14
C SER A 11 -5.90 -15.24 -4.68
N LEU A 12 -5.96 -13.98 -5.10
CA LEU A 12 -7.14 -13.15 -4.92
C LEU A 12 -8.02 -13.21 -6.16
N GLY A 13 -7.63 -14.04 -7.13
CA GLY A 13 -8.28 -14.06 -8.42
C GLY A 13 -8.29 -12.68 -9.09
N GLN A 14 -9.30 -12.44 -9.91
CA GLN A 14 -9.50 -11.14 -10.54
C GLN A 14 -9.88 -10.09 -9.48
N GLY A 15 -10.39 -10.56 -8.35
CA GLY A 15 -10.75 -9.69 -7.25
C GLY A 15 -11.94 -8.82 -7.57
N ASN A 16 -12.08 -7.72 -6.84
CA ASN A 16 -13.20 -6.80 -7.03
C ASN A 16 -12.70 -5.36 -7.21
N THR A 17 -13.64 -4.43 -7.31
CA THR A 17 -13.32 -3.04 -7.63
C THR A 17 -13.45 -2.10 -6.43
N ILE A 18 -13.57 -2.66 -5.24
CA ILE A 18 -13.73 -1.86 -4.02
C ILE A 18 -12.53 -1.99 -3.08
N ALA A 19 -12.24 -3.23 -2.66
CA ALA A 19 -11.19 -3.48 -1.69
C ALA A 19 -10.67 -4.90 -1.84
N ASN A 20 -9.36 -5.01 -2.08
CA ASN A 20 -8.71 -6.29 -2.27
C ASN A 20 -7.57 -6.49 -1.29
N GLY A 21 -7.62 -7.57 -0.53
CA GLY A 21 -6.63 -7.84 0.50
C GLY A 21 -6.92 -7.02 1.74
N ASN A 22 -6.23 -7.34 2.83
CA ASN A 22 -6.36 -6.59 4.07
C ASN A 22 -6.01 -5.12 3.85
N CYS A 23 -5.18 -4.86 2.84
CA CYS A 23 -4.75 -3.50 2.52
C CYS A 23 -5.81 -2.72 1.74
N SER A 24 -6.90 -3.40 1.38
CA SER A 24 -8.01 -2.76 0.67
C SER A 24 -7.58 -2.05 -0.60
N MET A 25 -6.77 -2.73 -1.41
CA MET A 25 -6.38 -2.18 -2.71
C MET A 25 -7.64 -1.95 -3.54
N PRO A 26 -7.66 -0.87 -4.34
CA PRO A 26 -8.79 -0.58 -5.23
C PRO A 26 -8.98 -1.67 -6.28
N ALA A 27 -7.89 -2.37 -6.61
CA ALA A 27 -7.92 -3.42 -7.62
C ALA A 27 -6.74 -4.36 -7.41
N VAL A 28 -6.90 -5.62 -7.78
CA VAL A 28 -5.77 -6.53 -7.89
C VAL A 28 -4.89 -5.98 -9.00
N PRO A 29 -3.59 -5.81 -8.73
CA PRO A 29 -2.70 -5.27 -9.78
C PRO A 29 -2.86 -6.00 -11.11
N ALA A 30 -2.74 -5.26 -12.21
CA ALA A 30 -2.90 -5.82 -13.55
C ALA A 30 -1.90 -6.94 -13.82
N ASP A 31 -0.67 -6.79 -13.34
CA ASP A 31 0.35 -7.81 -13.57
C ASP A 31 0.22 -8.97 -12.58
N ARG A 32 -0.73 -8.85 -11.65
CA ARG A 32 -1.01 -9.92 -10.69
C ARG A 32 0.17 -10.23 -9.78
N MET A 33 1.06 -9.27 -9.61
CA MET A 33 2.20 -9.44 -8.72
C MET A 33 1.91 -8.79 -7.37
N TYR A 34 1.54 -9.61 -6.40
CA TYR A 34 1.22 -9.13 -5.06
C TYR A 34 1.57 -10.19 -4.03
N VAL A 35 1.50 -9.83 -2.76
CA VAL A 35 1.93 -10.73 -1.70
C VAL A 35 1.23 -10.46 -0.38
N ALA A 36 1.05 -11.51 0.42
CA ALA A 36 0.59 -11.38 1.79
C ALA A 36 1.77 -11.65 2.70
N VAL A 37 1.94 -10.80 3.72
CA VAL A 37 3.11 -10.89 4.60
C VAL A 37 2.69 -11.19 6.04
N SER A 38 3.64 -11.71 6.81
CA SER A 38 3.39 -12.08 8.20
C SER A 38 2.85 -10.88 8.96
N SER A 39 2.23 -11.13 10.12
CA SER A 39 1.64 -10.07 10.92
C SER A 39 2.67 -9.04 11.37
N PRO A 40 3.85 -9.50 11.84
CA PRO A 40 4.87 -8.51 12.22
C PRO A 40 5.35 -7.66 11.04
N GLU A 41 5.46 -8.26 9.86
CA GLU A 41 5.91 -7.51 8.69
C GLU A 41 4.77 -6.66 8.12
N TYR A 42 3.53 -7.05 8.42
CA TYR A 42 2.36 -6.26 8.02
C TYR A 42 2.34 -4.95 8.81
N SER A 43 2.79 -5.02 10.05
CA SER A 43 2.99 -3.84 10.89
C SER A 43 1.75 -2.93 10.89
N GLY A 44 0.60 -3.49 11.24
CA GLY A 44 -0.63 -2.72 11.34
C GLY A 44 -0.98 -2.00 10.05
N ALA A 45 -0.61 -2.60 8.93
CA ALA A 45 -0.93 -2.07 7.60
C ALA A 45 0.08 -1.03 7.11
N ALA A 46 1.13 -0.79 7.89
CA ALA A 46 2.17 0.13 7.45
C ALA A 46 2.86 -0.39 6.19
N ALA A 47 2.84 -1.70 6.02
CA ALA A 47 3.46 -2.32 4.85
C ALA A 47 2.59 -2.16 3.61
N CYS A 48 1.33 -1.79 3.80
CA CYS A 48 0.45 -1.55 2.67
C CYS A 48 1.03 -0.42 1.81
N GLY A 49 0.90 -0.57 0.49
CA GLY A 49 1.40 0.44 -0.42
C GLY A 49 2.91 0.38 -0.64
N THR A 50 3.54 -0.67 -0.13
CA THR A 50 4.98 -0.87 -0.34
C THR A 50 5.20 -2.07 -1.24
N PHE A 51 6.42 -2.23 -1.71
CA PHE A 51 6.75 -3.29 -2.65
C PHE A 51 7.97 -4.08 -2.20
N LEU A 52 7.98 -5.37 -2.51
CA LEU A 52 9.12 -6.22 -2.24
C LEU A 52 9.72 -6.69 -3.55
N ASP A 53 11.05 -6.69 -3.61
CA ASP A 53 11.75 -7.40 -4.67
C ASP A 53 12.15 -8.76 -4.12
N VAL A 54 11.50 -9.79 -4.64
CA VAL A 54 11.66 -11.15 -4.14
C VAL A 54 12.46 -11.98 -5.12
N THR A 55 13.60 -12.49 -4.65
CA THR A 55 14.48 -13.31 -5.46
C THR A 55 14.26 -14.78 -5.15
N GLY A 56 14.08 -15.57 -6.21
CA GLY A 56 13.92 -16.99 -6.08
C GLY A 56 14.72 -17.73 -7.14
N PRO A 57 14.48 -19.04 -7.29
CA PRO A 57 15.23 -19.88 -8.20
C PRO A 57 15.33 -19.34 -9.63
N LYS A 58 14.27 -18.72 -10.14
CA LYS A 58 14.23 -18.35 -11.56
C LYS A 58 14.38 -16.86 -11.83
N GLY A 59 14.53 -16.06 -10.78
CA GLY A 59 14.73 -14.63 -10.97
C GLY A 59 14.34 -13.79 -9.78
N THR A 60 13.96 -12.55 -10.06
CA THR A 60 13.52 -11.61 -9.05
C THR A 60 12.28 -10.89 -9.57
N VAL A 61 11.23 -10.87 -8.76
CA VAL A 61 9.96 -10.26 -9.17
C VAL A 61 9.56 -9.21 -8.14
N ARG A 62 8.89 -8.15 -8.60
CA ARG A 62 8.43 -7.09 -7.71
C ARG A 62 6.95 -7.25 -7.40
N VAL A 63 6.63 -7.35 -6.11
CA VAL A 63 5.26 -7.59 -5.68
C VAL A 63 4.78 -6.49 -4.75
N GLN A 64 3.52 -6.08 -4.91
CA GLN A 64 2.92 -5.13 -3.99
C GLN A 64 2.40 -5.87 -2.76
N VAL A 65 2.69 -5.33 -1.58
CA VAL A 65 2.15 -5.89 -0.35
C VAL A 65 0.67 -5.56 -0.30
N ALA A 66 -0.15 -6.61 -0.34
CA ALA A 66 -1.60 -6.45 -0.51
C ALA A 66 -2.39 -6.96 0.68
N ASP A 67 -1.76 -7.75 1.52
CA ASP A 67 -2.52 -8.63 2.41
C ASP A 67 -1.71 -9.04 3.63
N GLN A 68 -2.40 -9.62 4.61
CA GLN A 68 -1.78 -10.12 5.82
C GLN A 68 -1.90 -11.63 5.89
N CYS A 69 -0.77 -12.32 6.03
CA CYS A 69 -0.77 -13.76 6.23
C CYS A 69 -0.56 -14.08 7.71
N HIS A 70 -1.66 -14.25 8.43
CA HIS A 70 -1.61 -14.46 9.87
C HIS A 70 -0.77 -15.68 10.25
N GLY A 71 -0.87 -16.74 9.46
CA GLY A 71 -0.18 -17.98 9.76
C GLY A 71 1.26 -18.00 9.29
N CYS A 72 1.65 -16.99 8.52
CA CYS A 72 3.02 -16.91 8.01
C CYS A 72 3.98 -16.45 9.11
N GLU A 73 5.03 -17.22 9.34
CA GLU A 73 6.11 -16.77 10.22
C GLU A 73 6.90 -15.68 9.48
N VAL A 74 7.68 -14.90 10.21
CA VAL A 74 8.52 -13.88 9.61
C VAL A 74 9.45 -14.52 8.58
N GLY A 75 9.51 -13.94 7.39
CA GLY A 75 10.31 -14.49 6.31
C GLY A 75 9.49 -15.33 5.35
N HIS A 76 8.29 -15.73 5.76
CA HIS A 76 7.41 -16.54 4.93
C HIS A 76 6.41 -15.66 4.18
N LEU A 77 6.62 -15.52 2.88
CA LEU A 77 5.72 -14.74 2.04
C LEU A 77 4.68 -15.65 1.40
N ASN A 78 3.45 -15.15 1.33
CA ASN A 78 2.41 -15.83 0.57
C ASN A 78 2.28 -15.09 -0.75
N LEU A 79 2.98 -15.57 -1.78
CA LEU A 79 3.01 -14.90 -3.08
C LEU A 79 1.77 -15.20 -3.91
N SER A 80 1.38 -14.25 -4.74
CA SER A 80 0.41 -14.51 -5.79
C SER A 80 0.93 -15.68 -6.62
N GLU A 81 0.02 -16.42 -7.24
CA GLU A 81 0.41 -17.55 -8.05
C GLU A 81 1.31 -17.11 -9.21
N GLU A 82 1.03 -15.91 -9.74
CA GLU A 82 1.82 -15.38 -10.86
C GLU A 82 3.24 -15.06 -10.42
N ALA A 83 3.39 -14.47 -9.24
CA ALA A 83 4.71 -14.15 -8.72
C ALA A 83 5.46 -15.44 -8.40
N PHE A 84 4.76 -16.41 -7.84
CA PHE A 84 5.36 -17.69 -7.49
C PHE A 84 5.92 -18.37 -8.73
N ARG A 85 5.11 -18.43 -9.78
CA ARG A 85 5.50 -19.09 -11.03
C ARG A 85 6.67 -18.37 -11.71
N ALA A 86 6.76 -17.06 -11.51
CA ALA A 86 7.88 -16.28 -12.04
C ALA A 86 9.18 -16.63 -11.33
N LEU A 87 9.07 -17.19 -10.12
CA LEU A 87 10.23 -17.45 -9.27
C LEU A 87 10.62 -18.92 -9.21
N GLY A 88 9.65 -19.82 -9.31
CA GLY A 88 9.93 -21.23 -9.17
C GLY A 88 8.84 -22.14 -9.69
N ASP A 89 8.90 -23.41 -9.29
CA ASP A 89 7.96 -24.42 -9.75
C ASP A 89 6.72 -24.43 -8.86
N PHE A 90 5.58 -24.07 -9.44
CA PHE A 90 4.31 -24.03 -8.74
C PHE A 90 4.08 -25.31 -7.95
N ASN A 91 4.35 -26.45 -8.58
CA ASN A 91 4.06 -27.75 -7.97
C ASN A 91 4.98 -28.10 -6.81
N ALA A 92 6.02 -27.30 -6.61
CA ALA A 92 6.92 -27.50 -5.48
C ALA A 92 6.24 -27.07 -4.19
N GLY A 93 5.25 -26.18 -4.30
CA GLY A 93 4.49 -25.73 -3.14
C GLY A 93 5.20 -24.67 -2.33
N ILE A 94 6.42 -24.98 -1.88
CA ILE A 94 7.21 -24.05 -1.10
C ILE A 94 8.59 -23.89 -1.73
N ILE A 95 9.03 -22.65 -1.91
CA ILE A 95 10.36 -22.38 -2.49
C ILE A 95 11.16 -21.45 -1.59
N PRO A 96 12.50 -21.57 -1.63
CA PRO A 96 13.37 -20.67 -0.88
C PRO A 96 13.48 -19.32 -1.57
N ILE A 97 13.48 -18.25 -0.80
CA ILE A 97 13.55 -16.91 -1.36
C ILE A 97 14.36 -15.99 -0.47
N SER A 98 14.75 -14.85 -1.02
CA SER A 98 15.27 -13.75 -0.23
C SER A 98 14.57 -12.50 -0.76
N TYR A 99 14.41 -11.48 0.07
CA TYR A 99 13.74 -10.28 -0.40
C TYR A 99 14.11 -9.00 0.36
N VAL A 100 13.80 -7.89 -0.28
CA VAL A 100 14.00 -6.57 0.31
C VAL A 100 12.79 -5.71 0.00
N THR A 101 12.49 -4.77 0.89
CA THR A 101 11.51 -3.73 0.61
C THR A 101 12.14 -2.72 -0.33
N VAL A 102 11.47 -2.44 -1.44
CA VAL A 102 12.03 -1.62 -2.50
C VAL A 102 12.06 -0.14 -2.10
N ARG A 103 13.22 0.48 -2.31
CA ARG A 103 13.37 1.92 -2.11
C ARG A 103 12.91 2.67 -3.36
N ASP A 104 11.93 3.56 -3.19
CA ASP A 104 11.44 4.38 -4.28
C ASP A 104 11.16 3.59 -5.55
N PRO A 105 10.21 2.65 -5.49
CA PRO A 105 9.81 1.89 -6.67
C PRO A 105 9.17 2.80 -7.71
N ALA A 106 9.42 2.52 -8.99
CA ALA A 106 8.83 3.30 -10.06
C ALA A 106 7.32 3.16 -10.03
N GLY A 107 6.62 4.27 -10.28
CA GLY A 107 5.18 4.27 -10.30
C GLY A 107 4.64 5.60 -10.76
N PRO A 108 3.31 5.74 -10.81
CA PRO A 108 2.67 6.99 -11.22
C PRO A 108 2.66 8.01 -10.08
N THR A 109 2.08 9.18 -10.35
CA THR A 109 1.95 10.22 -9.34
C THR A 109 1.06 9.73 -8.20
N VAL A 110 1.17 10.40 -7.06
CA VAL A 110 0.38 10.05 -5.89
C VAL A 110 -1.11 10.22 -6.20
N ALA A 111 -1.93 9.33 -5.68
CA ALA A 111 -3.37 9.46 -5.82
C ALA A 111 -4.01 9.24 -4.45
N ILE A 112 -5.23 9.76 -4.29
CA ILE A 112 -5.95 9.66 -3.03
C ILE A 112 -7.35 9.11 -3.25
N ARG A 113 -7.75 8.16 -2.42
CA ARG A 113 -9.12 7.66 -2.45
C ARG A 113 -9.82 7.89 -1.12
N VAL A 114 -10.88 8.68 -1.16
CA VAL A 114 -11.72 8.90 0.01
C VAL A 114 -12.58 7.65 0.23
N LYS A 115 -12.68 7.22 1.48
CA LYS A 115 -13.39 5.98 1.80
C LYS A 115 -14.90 6.17 1.76
N GLU A 116 -15.60 5.11 1.38
CA GLU A 116 -17.05 5.07 1.49
C GLU A 116 -17.45 5.47 2.90
N GLY A 117 -18.50 6.29 3.03
CA GLY A 117 -19.02 6.69 4.31
C GLY A 117 -18.36 7.94 4.87
N SER A 118 -17.40 8.50 4.13
CA SER A 118 -16.70 9.69 4.56
C SER A 118 -17.56 10.94 4.44
N SER A 119 -17.25 11.93 5.28
CA SER A 119 -17.86 13.25 5.21
C SER A 119 -16.95 14.21 5.97
N ARG A 120 -17.36 15.46 6.11
CA ARG A 120 -16.52 16.45 6.79
C ARG A 120 -16.39 16.11 8.27
N TRP A 121 -17.40 15.43 8.82
CA TRP A 121 -17.40 15.10 10.23
C TRP A 121 -16.43 13.97 10.55
N TRP A 122 -16.23 13.07 9.59
CA TRP A 122 -15.33 11.95 9.75
C TRP A 122 -15.04 11.33 8.38
N ALA A 123 -13.77 11.14 8.06
CA ALA A 123 -13.41 10.62 6.75
C ALA A 123 -12.23 9.68 6.84
N GLY A 124 -12.13 8.80 5.85
CA GLY A 124 -10.96 7.95 5.69
C GLY A 124 -10.32 8.26 4.35
N LEU A 125 -8.98 8.22 4.31
CA LEU A 125 -8.24 8.42 3.08
C LEU A 125 -7.30 7.25 2.84
N GLN A 126 -7.19 6.80 1.59
CA GLN A 126 -6.17 5.85 1.21
C GLN A 126 -5.17 6.54 0.28
N VAL A 127 -3.89 6.43 0.60
CA VAL A 127 -2.85 7.05 -0.21
C VAL A 127 -2.26 6.02 -1.17
N LEU A 128 -2.30 6.33 -2.46
CA LEU A 128 -1.85 5.42 -3.49
C LEU A 128 -0.59 5.95 -4.18
N ASN A 129 0.36 5.05 -4.43
CA ASN A 129 1.55 5.36 -5.21
C ASN A 129 2.58 6.23 -4.48
N ALA A 130 2.57 6.19 -3.15
CA ALA A 130 3.60 6.85 -2.38
C ALA A 130 4.91 6.08 -2.54
N GLY A 131 4.79 4.78 -2.78
CA GLY A 131 5.95 3.95 -3.06
C GLY A 131 6.61 3.34 -1.84
N ASN A 132 6.78 4.15 -0.80
CA ASN A 132 7.38 3.69 0.44
C ASN A 132 6.41 3.80 1.61
N ARG A 133 6.84 3.35 2.78
CA ARG A 133 6.03 3.43 3.99
C ARG A 133 5.65 4.88 4.25
N ILE A 134 4.40 5.08 4.65
CA ILE A 134 3.89 6.40 5.00
C ILE A 134 3.78 6.50 6.51
N ASP A 135 4.32 7.58 7.08
CA ASP A 135 4.30 7.76 8.53
C ASP A 135 3.32 8.82 9.01
N ARG A 136 2.93 9.74 8.12
CA ARG A 136 1.97 10.78 8.47
C ARG A 136 1.04 11.12 7.33
N VAL A 137 -0.23 11.31 7.66
CA VAL A 137 -1.21 11.85 6.73
C VAL A 137 -2.02 12.91 7.48
N GLU A 138 -2.06 14.10 6.92
CA GLU A 138 -2.65 15.24 7.60
C GLU A 138 -3.55 16.02 6.66
N ILE A 139 -4.59 16.65 7.21
CA ILE A 139 -5.47 17.52 6.44
C ILE A 139 -5.38 18.94 6.96
N GLN A 140 -5.30 19.89 6.04
CA GLN A 140 -5.13 21.28 6.41
C GLN A 140 -6.37 21.84 7.11
N ALA A 141 -6.16 22.41 8.29
CA ALA A 141 -7.20 23.16 8.99
C ALA A 141 -6.70 24.58 9.19
N GLY A 142 -7.07 25.46 8.27
CA GLY A 142 -6.59 26.84 8.31
C GLY A 142 -5.09 26.91 8.18
N ARG A 143 -4.42 27.22 9.28
CA ARG A 143 -2.97 27.32 9.31
C ARG A 143 -2.34 26.04 9.85
N GLN A 144 -3.13 25.25 10.58
CA GLN A 144 -2.63 24.05 11.21
C GLN A 144 -2.80 22.82 10.33
N TRP A 145 -2.34 21.68 10.85
CA TRP A 145 -2.51 20.39 10.18
C TRP A 145 -3.18 19.41 11.14
N LEU A 146 -4.29 18.83 10.69
CA LEU A 146 -4.99 17.83 11.48
C LEU A 146 -4.45 16.43 11.16
N PRO A 147 -3.82 15.78 12.15
CA PRO A 147 -3.23 14.46 11.93
C PRO A 147 -4.26 13.33 11.90
N LEU A 148 -4.22 12.52 10.84
CA LEU A 148 -5.07 11.33 10.75
C LEU A 148 -4.36 10.14 11.36
N THR A 149 -5.14 9.10 11.67
CA THR A 149 -4.59 7.91 12.31
C THR A 149 -4.62 6.73 11.35
N ARG A 150 -3.57 5.92 11.38
CA ARG A 150 -3.46 4.77 10.49
C ARG A 150 -4.41 3.66 10.93
N THR A 151 -5.21 3.15 9.98
CA THR A 151 -6.08 2.00 10.27
C THR A 151 -5.35 0.73 9.87
N ASP A 152 -5.86 -0.42 10.28
CA ASP A 152 -5.20 -1.68 9.97
C ASP A 152 -5.71 -2.29 8.66
N TYR A 153 -6.44 -1.50 7.87
CA TYR A 153 -6.98 -1.99 6.60
C TYR A 153 -6.65 -1.07 5.42
N GLY A 154 -5.62 -0.25 5.56
CA GLY A 154 -5.05 0.47 4.43
C GLY A 154 -5.45 1.91 4.26
N TYR A 155 -6.22 2.44 5.21
CA TYR A 155 -6.64 3.83 5.16
C TYR A 155 -6.08 4.64 6.32
N TRP A 156 -6.38 5.93 6.32
CA TRP A 156 -6.07 6.84 7.41
C TRP A 156 -7.37 7.57 7.73
N VAL A 157 -7.68 7.75 9.02
CA VAL A 157 -8.95 8.36 9.41
C VAL A 157 -8.78 9.59 10.28
N THR A 158 -9.75 10.50 10.18
CA THR A 158 -9.71 11.76 10.90
C THR A 158 -10.16 11.60 12.35
N PRO A 159 -9.52 12.34 13.28
CA PRO A 159 -9.86 12.28 14.70
C PRO A 159 -10.89 13.33 15.10
N SER A 160 -11.24 14.21 14.17
CA SER A 160 -12.16 15.30 14.42
C SER A 160 -12.52 15.96 13.09
N PRO A 161 -13.59 16.76 13.08
CA PRO A 161 -14.10 17.29 11.80
C PRO A 161 -13.08 18.13 11.04
N ILE A 162 -13.24 18.17 9.72
CA ILE A 162 -12.40 19.01 8.88
C ILE A 162 -13.26 20.06 8.18
N GLN A 163 -12.61 21.12 7.71
CA GLN A 163 -13.32 22.25 7.12
C GLN A 163 -14.07 21.87 5.85
N ASP A 164 -15.08 22.67 5.51
CA ASP A 164 -15.84 22.48 4.29
C ASP A 164 -15.02 23.04 3.13
N GLY A 165 -15.36 22.62 1.91
CA GLY A 165 -14.59 23.01 0.74
C GLY A 165 -13.51 22.01 0.42
N PRO A 166 -12.65 22.33 -0.55
CA PRO A 166 -11.60 21.41 -1.00
C PRO A 166 -10.65 21.01 0.13
N LEU A 167 -10.16 19.78 0.08
CA LEU A 167 -9.20 19.30 1.06
C LEU A 167 -7.77 19.49 0.58
N THR A 168 -6.90 19.89 1.48
CA THR A 168 -5.47 19.88 1.22
C THR A 168 -4.85 18.83 2.12
N VAL A 169 -4.21 17.84 1.52
CA VAL A 169 -3.67 16.71 2.25
C VAL A 169 -2.16 16.71 2.18
N LYS A 170 -1.52 16.54 3.33
CA LYS A 170 -0.06 16.44 3.38
C LYS A 170 0.33 15.03 3.82
N VAL A 171 1.11 14.36 2.98
CA VAL A 171 1.56 13.00 3.26
C VAL A 171 3.07 12.99 3.44
N THR A 172 3.55 12.36 4.50
CA THR A 172 4.97 12.31 4.80
C THR A 172 5.42 10.85 4.88
N ASP A 173 6.48 10.52 4.16
CA ASP A 173 6.93 9.13 4.12
C ASP A 173 7.91 8.83 5.25
N GLN A 174 8.35 7.57 5.32
CA GLN A 174 9.24 7.11 6.37
C GLN A 174 10.57 7.86 6.40
N TYR A 175 10.90 8.52 5.29
CA TYR A 175 12.20 9.18 5.19
C TYR A 175 12.09 10.68 5.52
N GLY A 176 10.88 11.15 5.78
CA GLY A 176 10.68 12.54 6.14
C GLY A 176 10.36 13.44 4.95
N ARG A 177 10.24 12.84 3.77
CA ARG A 177 9.83 13.59 2.58
C ARG A 177 8.31 13.75 2.57
N ALA A 178 7.85 14.93 2.16
CA ALA A 178 6.42 15.21 2.16
C ALA A 178 5.93 15.75 0.81
N VAL A 179 4.70 15.37 0.46
CA VAL A 179 4.01 15.97 -0.66
C VAL A 179 2.76 16.67 -0.14
N VAL A 180 2.41 17.79 -0.75
CA VAL A 180 1.20 18.51 -0.39
C VAL A 180 0.24 18.47 -1.58
N LEU A 181 -0.98 18.03 -1.31
CA LEU A 181 -1.95 17.75 -2.37
C LEU A 181 -3.20 18.61 -2.21
N PRO A 182 -3.26 19.76 -2.89
CA PRO A 182 -4.40 20.67 -2.77
C PRO A 182 -5.56 20.34 -3.72
N GLY A 183 -6.73 20.91 -3.45
CA GLY A 183 -7.85 20.82 -4.36
C GLY A 183 -8.55 19.47 -4.40
N LEU A 184 -8.38 18.66 -3.36
CA LEU A 184 -9.02 17.35 -3.33
C LEU A 184 -10.48 17.47 -2.89
N ARG A 185 -11.33 16.59 -3.42
CA ARG A 185 -12.75 16.64 -3.13
C ARG A 185 -13.20 15.54 -2.16
N MET A 186 -14.24 15.84 -1.40
CA MET A 186 -14.86 14.86 -0.52
C MET A 186 -15.72 13.93 -1.38
N ALA A 187 -15.06 13.01 -2.07
CA ALA A 187 -15.72 12.19 -3.08
C ALA A 187 -15.42 10.71 -2.87
N PRO A 188 -16.16 10.06 -1.96
CA PRO A 188 -15.98 8.64 -1.62
C PRO A 188 -15.89 7.75 -2.85
N GLY A 189 -14.90 6.87 -2.87
CA GLY A 189 -14.79 5.87 -3.93
C GLY A 189 -13.95 6.32 -5.12
N GLU A 190 -13.83 7.63 -5.32
CA GLU A 190 -13.11 8.14 -6.47
C GLU A 190 -11.61 8.13 -6.24
N ILE A 191 -10.86 7.63 -7.23
CA ILE A 191 -9.42 7.70 -7.20
C ILE A 191 -8.99 9.04 -7.79
N GLN A 192 -8.56 9.95 -6.93
CA GLN A 192 -8.19 11.29 -7.35
C GLN A 192 -6.70 11.38 -7.63
N ARG A 193 -6.36 11.55 -8.91
CA ARG A 193 -4.97 11.65 -9.34
C ARG A 193 -4.44 13.03 -9.01
N THR A 194 -3.18 13.09 -8.56
CA THR A 194 -2.54 14.37 -8.27
C THR A 194 -1.33 14.55 -9.16
N ALA A 195 -0.62 15.66 -8.98
CA ALA A 195 0.54 15.97 -9.80
C ALA A 195 1.84 15.74 -9.03
N SER A 196 1.74 15.12 -7.86
CA SER A 196 2.87 15.04 -6.95
C SER A 196 3.57 13.69 -6.95
N ARG A 197 4.88 13.73 -6.70
CA ARG A 197 5.69 12.52 -6.52
C ARG A 197 6.62 12.73 -5.33
N PHE A 198 6.94 11.66 -4.63
CA PHE A 198 7.93 11.74 -3.54
C PHE A 198 9.34 11.71 -4.12
N TYR A 199 9.47 11.22 -5.34
CA TYR A 199 10.75 11.15 -6.03
C TYR A 199 10.51 11.22 -7.53
N PRO A 200 11.45 11.82 -8.28
CA PRO A 200 11.23 11.97 -9.72
C PRO A 200 11.39 10.64 -10.46
N VAL A 201 10.96 10.61 -11.71
CA VAL A 201 11.09 9.42 -12.54
C VAL A 201 12.55 9.23 -12.97
N HIS A 202 13.14 8.12 -12.55
CA HIS A 202 14.51 7.77 -12.95
C HIS A 202 14.54 6.40 -13.61
#